data_8EYU
#
_entry.id   8EYU
#
_cell.length_a   29.937
_cell.length_b   50.742
_cell.length_c   95.555
_cell.angle_alpha   90.000
_cell.angle_beta   94.083
_cell.angle_gamma   90.000
#
_symmetry.space_group_name_H-M   'P 1 21 1'
#
loop_
_entity.id
_entity.type
_entity.pdbx_description
1 polymer 'RNA (49-MER)'
2 non-polymer 'POTASSIUM ION'
3 non-polymer 'methyl (2E)-3-{(4Z)-4-[(3,5-difluoro-4-hydroxyphenyl)methylidene]-1-methyl-5-oxo-4,5-dihydro-1H-imidazol-2-yl}prop-2-enoate'
4 water water
#
_entity_poly.entity_id   1
_entity_poly.type   'polyribonucleotide'
_entity_poly.pdbx_seq_one_letter_code
;GCGCCGGUUAGGCAGAGGUGGGUGGUGUGGAGGAGUAUCUGUCCGGCGC
;
_entity_poly.pdbx_strand_id   B,A
#
loop_
_chem_comp.id
_chem_comp.type
_chem_comp.name
_chem_comp.formula
A RNA linking ADENOSINE-5'-MONOPHOSPHATE 'C10 H14 N5 O7 P'
C RNA linking CYTIDINE-5'-MONOPHOSPHATE 'C9 H14 N3 O8 P'
G RNA linking GUANOSINE-5'-MONOPHOSPHATE 'C10 H14 N5 O8 P'
K non-polymer 'POTASSIUM ION' 'K 1'
U RNA linking URIDINE-5'-MONOPHOSPHATE 'C9 H13 N2 O9 P'
X5R non-polymer 'methyl (2E)-3-{(4Z)-4-[(3,5-difluoro-4-hydroxyphenyl)methylidene]-1-methyl-5-oxo-4,5-dihydro-1H-imidazol-2-yl}prop-2-enoate' 'C15 H12 F2 N2 O4'
#
# COMPACT_ATOMS: atom_id res chain seq x y z
K K C . 5.77 3.43 1.15
K K D . 2.92 1.61 0.82
C10 X5R E . 15.20 4.03 2.69
C15 X5R E . 16.94 2.50 -0.86
C13 X5R E . 17.27 1.99 0.38
C12 X5R E . 16.73 2.47 1.54
C11 X5R E . 15.80 3.51 1.47
C01 X5R E . 12.38 8.66 -1.70
C03 X5R E . 11.46 9.42 0.34
C05 X5R E . 12.07 8.15 0.78
C06 X5R E . 12.04 7.73 2.08
C07 X5R E . 12.82 6.67 2.64
C09 X5R E . 14.30 5.03 2.88
C17 X5R E . 16.02 3.54 -0.90
C19 X5R E . 15.45 4.04 0.23
C20 X5R E . 13.83 5.42 4.21
C23 X5R E . 12.11 7.11 5.01
F14 X5R E . 18.18 0.97 0.45
F18 X5R E . 15.68 4.06 -2.12
N08 X5R E . 13.66 5.84 1.92
N22 X5R E . 12.85 6.37 3.98
O02 X5R E . 11.56 9.59 -0.97
O04 X5R E . 10.92 10.22 1.08
O16 X5R E . 17.50 2.01 -1.99
O21 X5R E . 14.18 5.04 5.32
K K F . -5.83 -3.76 0.11
K K G . -3.02 -1.80 0.32
K K H . -0.05 -0.09 0.56
C10 X5R I . -15.28 -4.45 0.39
C15 X5R I . -16.63 -1.92 -2.75
C13 X5R I . -17.12 -1.76 -1.45
C12 X5R I . -16.70 -2.57 -0.42
C11 X5R I . -15.76 -3.57 -0.68
C01 X5R I . -12.31 -7.66 -4.97
C03 X5R I . -11.56 -9.05 -3.20
C05 X5R I . -12.15 -7.95 -2.43
C06 X5R I . -12.18 -7.93 -1.08
C07 X5R I . -12.93 -7.02 -0.26
C09 X5R I . -14.39 -5.45 0.35
C17 X5R I . -15.70 -2.93 -2.97
C19 X5R I . -15.26 -3.74 -1.97
C20 X5R I . -14.07 -6.29 1.52
C23 X5R I . -12.46 -8.20 1.91
F14 X5R I . -18.04 -0.79 -1.21
F18 X5R I . -15.22 -3.09 -4.24
N08 X5R I . -13.65 -5.94 -0.74
N22 X5R I . -13.03 -7.12 1.12
O02 X5R I . -11.61 -8.84 -4.52
O04 X5R I . -11.08 -10.06 -2.71
O16 X5R I . -17.05 -1.14 -3.75
O21 X5R I . -14.57 -6.31 2.64
#